data_6XT6
#
_entry.id   6XT6
#
_cell.length_a   59.939
_cell.length_b   90.420
_cell.length_c   86.863
_cell.angle_alpha   90.000
_cell.angle_beta   91.128
_cell.angle_gamma   90.000
#
_symmetry.space_group_name_H-M   'I 1 2 1'
#
loop_
_entity.id
_entity.type
_entity.pdbx_description
1 polymer Concanavalin-A
2 non-polymer 'MANGANESE (II) ION'
3 non-polymer 'CALCIUM ION'
4 non-polymer 'ZINC ION'
5 non-polymer 1,2-ETHANEDIOL
6 water water
#
_entity_poly.entity_id   1
_entity_poly.type   'polypeptide(L)'
_entity_poly.pdbx_seq_one_letter_code
;STHETNALHFMFNQFSKDQKDLILQGDATTGTDGNLELTRVSSNGSPQGSSVGRALFYAPVHIWESSAVVASFEATFTFL
IKSPDSHPADGIAFFISNIDSSIPSGSTGRLLGLFPDANVIRNSTTIDFNAAYNADTIVAVELDTYPNTDIGDPSYPHIG
IDIKSVRSKKTAKWNMQNGKVGTAHIIYNSVDKRLSAVVSYPNADSATVSYDVDLDNVLPEWVRVGLSASTGLYKETNTI
LSWSFTSKLKSNEIPDIATVV
;
_entity_poly.pdbx_strand_id   A,B
#
# COMPACT_ATOMS: atom_id res chain seq x y z
N THR A 5 15.24 -4.54 -3.36
CA THR A 5 14.06 -4.25 -4.23
C THR A 5 12.83 -4.06 -3.34
N ASN A 6 12.53 -2.81 -2.95
CA ASN A 6 11.28 -2.43 -2.25
C ASN A 6 10.17 -2.24 -3.30
N ALA A 7 8.94 -2.67 -2.99
CA ALA A 7 7.79 -2.67 -3.92
C ALA A 7 6.52 -2.19 -3.20
N LEU A 8 5.73 -1.40 -3.92
CA LEU A 8 4.31 -1.13 -3.58
C LEU A 8 3.47 -1.47 -4.79
N HIS A 9 2.37 -2.17 -4.56
CA HIS A 9 1.34 -2.39 -5.59
C HIS A 9 -0.06 -2.25 -4.97
N PHE A 10 -0.93 -1.50 -5.62
CA PHE A 10 -2.36 -1.51 -5.28
C PHE A 10 -3.20 -1.63 -6.54
N MET A 11 -4.40 -2.14 -6.34
CA MET A 11 -5.43 -2.31 -7.39
C MET A 11 -6.82 -2.10 -6.77
N PHE A 12 -7.52 -1.08 -7.27
CA PHE A 12 -8.97 -0.84 -7.08
C PHE A 12 -9.70 -1.26 -8.36
N ASN A 13 -10.51 -2.31 -8.31
CA ASN A 13 -11.49 -2.64 -9.38
C ASN A 13 -12.89 -2.25 -8.92
N GLN A 14 -13.02 -1.85 -7.67
CA GLN A 14 -14.31 -1.41 -7.09
C GLN A 14 -13.97 -0.39 -6.00
N PHE A 15 -14.75 0.66 -5.85
CA PHE A 15 -14.61 1.64 -4.74
C PHE A 15 -15.84 1.50 -3.86
N SER A 16 -15.69 1.72 -2.55
CA SER A 16 -16.82 1.77 -1.60
C SER A 16 -16.83 3.14 -0.91
N LYS A 17 -17.97 3.49 -0.29
CA LYS A 17 -18.05 4.67 0.61
C LYS A 17 -17.07 4.35 1.73
N ASP A 18 -16.34 5.34 2.23
CA ASP A 18 -15.34 5.11 3.31
C ASP A 18 -14.27 4.13 2.81
N GLN A 19 -13.59 4.48 1.72
CA GLN A 19 -12.39 3.78 1.22
C GLN A 19 -11.21 4.28 2.05
N LYS A 20 -10.85 3.60 3.15
CA LYS A 20 -9.87 4.12 4.16
C LYS A 20 -8.44 4.20 3.59
N ASP A 21 -8.14 3.50 2.49
CA ASP A 21 -6.81 3.57 1.83
C ASP A 21 -6.80 4.64 0.73
N LEU A 22 -7.77 5.56 0.69
CA LEU A 22 -7.74 6.73 -0.23
C LEU A 22 -7.92 8.00 0.58
N ILE A 23 -7.17 9.05 0.26
CA ILE A 23 -7.42 10.44 0.74
C ILE A 23 -8.24 11.16 -0.34
N LEU A 24 -9.51 11.47 -0.07
CA LEU A 24 -10.39 12.22 -0.99
C LEU A 24 -10.31 13.70 -0.63
N GLN A 25 -9.98 14.55 -1.61
CA GLN A 25 -9.95 16.02 -1.52
C GLN A 25 -11.02 16.61 -2.46
N GLY A 26 -11.54 17.80 -2.13
CA GLY A 26 -12.47 18.55 -2.98
C GLY A 26 -13.79 17.82 -3.11
N ASP A 27 -14.28 17.64 -4.33
CA ASP A 27 -15.63 17.10 -4.64
C ASP A 27 -15.58 15.59 -4.87
N ALA A 28 -14.44 14.94 -4.66
CA ALA A 28 -14.27 13.50 -4.94
C ALA A 28 -15.15 12.70 -3.99
N THR A 29 -15.81 11.66 -4.51
CA THR A 29 -16.61 10.67 -3.73
C THR A 29 -16.36 9.27 -4.28
N THR A 30 -16.53 8.23 -3.45
CA THR A 30 -16.36 6.79 -3.82
C THR A 30 -17.63 6.04 -3.44
N GLY A 31 -18.08 5.10 -4.27
CA GLY A 31 -19.11 4.12 -3.87
C GLY A 31 -20.31 4.10 -4.80
N THR A 32 -20.73 5.26 -5.33
CA THR A 32 -21.84 5.35 -6.33
C THR A 32 -21.52 4.40 -7.49
N ASP A 33 -22.24 3.27 -7.58
CA ASP A 33 -22.07 2.17 -8.58
C ASP A 33 -20.66 1.56 -8.48
N GLY A 34 -20.03 1.71 -7.33
CA GLY A 34 -18.70 1.14 -7.04
C GLY A 34 -17.61 1.91 -7.72
N ASN A 35 -17.85 3.18 -8.04
CA ASN A 35 -16.95 4.03 -8.85
C ASN A 35 -16.47 5.20 -8.00
N LEU A 36 -15.41 5.86 -8.48
CA LEU A 36 -14.79 7.07 -7.88
C LEU A 36 -15.25 8.23 -8.75
N GLU A 37 -16.06 9.14 -8.21
CA GLU A 37 -16.49 10.36 -8.96
C GLU A 37 -15.59 11.50 -8.51
N LEU A 38 -14.59 11.81 -9.31
CA LEU A 38 -13.61 12.87 -8.97
C LEU A 38 -14.28 14.25 -8.94
N THR A 39 -15.30 14.49 -9.77
CA THR A 39 -15.98 15.80 -9.84
C THR A 39 -17.46 15.60 -9.54
N ARG A 40 -18.17 16.66 -9.16
CA ARG A 40 -19.58 16.62 -8.69
C ARG A 40 -20.48 16.13 -9.84
N VAL A 41 -21.35 15.16 -9.54
CA VAL A 41 -22.46 14.68 -10.41
C VAL A 41 -23.79 14.84 -9.66
N SER A 42 -24.89 15.19 -10.34
CA SER A 42 -26.28 15.17 -9.80
C SER A 42 -26.76 13.72 -9.68
N SER A 43 -27.85 13.48 -8.94
CA SER A 43 -28.47 12.14 -8.78
C SER A 43 -28.82 11.51 -10.14
N ASN A 44 -29.18 12.33 -11.14
CA ASN A 44 -29.61 11.93 -12.50
C ASN A 44 -28.38 11.58 -13.39
N GLY A 45 -27.17 11.85 -12.92
CA GLY A 45 -25.94 11.60 -13.69
C GLY A 45 -25.48 12.83 -14.44
N SER A 46 -26.00 14.02 -14.07
CA SER A 46 -25.60 15.32 -14.69
C SER A 46 -24.35 15.85 -14.00
N PRO A 47 -23.26 16.06 -14.77
CA PRO A 47 -22.02 16.60 -14.21
C PRO A 47 -22.16 18.11 -13.99
N GLN A 48 -21.53 18.65 -12.96
CA GLN A 48 -21.59 20.09 -12.56
C GLN A 48 -20.31 20.82 -12.98
N GLY A 49 -20.45 22.11 -13.28
CA GLY A 49 -19.34 23.02 -13.60
C GLY A 49 -18.57 23.34 -12.35
N SER A 50 -17.42 23.97 -12.49
CA SER A 50 -16.65 24.59 -11.37
C SER A 50 -16.42 23.57 -10.27
N SER A 51 -16.10 22.33 -10.64
CA SER A 51 -15.85 21.18 -9.74
C SER A 51 -14.37 20.78 -9.83
N VAL A 52 -13.79 20.33 -8.70
CA VAL A 52 -12.41 19.78 -8.64
C VAL A 52 -12.35 18.71 -7.54
N GLY A 53 -11.73 17.56 -7.81
CA GLY A 53 -11.53 16.49 -6.81
C GLY A 53 -10.30 15.65 -7.10
N ARG A 54 -9.68 15.11 -6.06
CA ARG A 54 -8.51 14.20 -6.20
C ARG A 54 -8.66 13.04 -5.20
N ALA A 55 -8.08 11.91 -5.57
CA ALA A 55 -7.91 10.72 -4.73
C ALA A 55 -6.41 10.43 -4.65
N LEU A 56 -5.88 10.40 -3.43
CA LEU A 56 -4.47 9.99 -3.18
C LEU A 56 -4.48 8.67 -2.42
N PHE A 57 -3.61 7.74 -2.83
CA PHE A 57 -3.33 6.51 -2.06
C PHE A 57 -2.72 6.93 -0.73
N TYR A 58 -3.21 6.32 0.36
CA TYR A 58 -2.93 6.75 1.75
C TYR A 58 -1.43 6.62 2.03
N ALA A 59 -0.80 5.57 1.48
CA ALA A 59 0.61 5.21 1.75
C ALA A 59 1.54 6.05 0.88
N PRO A 60 2.58 6.68 1.48
CA PRO A 60 3.63 7.31 0.68
C PRO A 60 4.52 6.29 -0.03
N VAL A 61 5.07 6.73 -1.17
CA VAL A 61 5.85 5.92 -2.15
C VAL A 61 7.27 6.45 -2.10
N HIS A 62 8.23 5.54 -1.97
CA HIS A 62 9.69 5.81 -1.92
C HIS A 62 10.19 5.79 -3.36
N ILE A 63 10.44 6.97 -3.89
CA ILE A 63 10.56 7.17 -5.35
C ILE A 63 12.05 7.25 -5.72
N TRP A 64 12.91 7.59 -4.75
CA TRP A 64 14.36 7.32 -4.84
C TRP A 64 15.00 7.22 -3.46
N GLU A 65 16.19 6.63 -3.40
CA GLU A 65 16.99 6.36 -2.17
C GLU A 65 18.40 6.92 -2.34
N SER A 66 19.02 6.70 -3.51
CA SER A 66 20.44 7.07 -3.80
C SER A 66 20.60 7.17 -5.31
N SER A 67 21.81 7.50 -5.75
CA SER A 67 22.20 7.56 -7.18
C SER A 67 22.10 6.17 -7.79
N ALA A 68 22.16 5.10 -6.99
CA ALA A 68 22.09 3.70 -7.45
C ALA A 68 20.68 3.14 -7.38
N VAL A 69 19.86 3.61 -6.43
CA VAL A 69 18.57 2.91 -6.09
C VAL A 69 17.43 3.91 -6.30
N VAL A 70 16.67 3.70 -7.38
CA VAL A 70 15.58 4.61 -7.79
C VAL A 70 14.40 3.76 -8.25
N ALA A 71 13.22 4.38 -8.30
CA ALA A 71 11.97 3.64 -8.46
C ALA A 71 11.49 3.81 -9.90
N SER A 72 11.33 2.68 -10.59
CA SER A 72 10.49 2.57 -11.80
C SER A 72 9.05 2.34 -11.34
N PHE A 73 8.08 2.85 -12.10
CA PHE A 73 6.66 2.70 -11.71
C PHE A 73 5.77 2.67 -12.95
N GLU A 74 4.54 2.24 -12.67
CA GLU A 74 3.48 1.99 -13.68
C GLU A 74 2.13 2.27 -13.01
N ALA A 75 1.23 2.92 -13.72
CA ALA A 75 -0.15 3.20 -13.28
C ALA A 75 -1.09 2.88 -14.44
N THR A 76 -2.23 2.31 -14.12
CA THR A 76 -3.32 2.07 -15.09
C THR A 76 -4.59 2.54 -14.41
N PHE A 77 -5.47 3.17 -15.17
CA PHE A 77 -6.85 3.46 -14.73
C PHE A 77 -7.77 3.41 -15.94
N THR A 78 -9.02 3.10 -15.64
CA THR A 78 -10.14 3.11 -16.61
C THR A 78 -11.11 4.19 -16.13
N PHE A 79 -11.65 4.92 -17.10
CA PHE A 79 -12.41 6.18 -16.90
C PHE A 79 -13.58 6.26 -17.89
N LEU A 80 -14.58 7.01 -17.48
CA LEU A 80 -15.78 7.32 -18.29
C LEU A 80 -15.96 8.82 -18.23
N ILE A 81 -15.63 9.51 -19.33
CA ILE A 81 -15.83 10.98 -19.47
C ILE A 81 -17.05 11.16 -20.36
N LYS A 82 -18.10 11.78 -19.82
CA LYS A 82 -19.40 11.92 -20.47
C LYS A 82 -19.92 13.33 -20.20
N SER A 83 -20.37 14.02 -21.25
CA SER A 83 -21.10 15.31 -21.18
C SER A 83 -22.38 15.22 -22.01
N PRO A 84 -23.43 15.99 -21.68
CA PRO A 84 -24.66 15.99 -22.49
C PRO A 84 -24.54 16.75 -23.82
N ASP A 85 -23.53 17.60 -23.97
CA ASP A 85 -23.26 18.41 -25.19
C ASP A 85 -21.94 17.93 -25.85
N SER A 86 -21.49 18.59 -26.92
CA SER A 86 -20.30 18.19 -27.72
C SER A 86 -19.00 18.70 -27.07
N HIS A 87 -19.07 19.30 -25.87
CA HIS A 87 -18.06 20.22 -25.30
C HIS A 87 -17.68 19.83 -23.89
N PRO A 88 -17.10 18.64 -23.67
CA PRO A 88 -16.62 18.25 -22.35
C PRO A 88 -15.37 19.04 -21.96
N ALA A 89 -15.21 19.32 -20.66
CA ALA A 89 -14.03 19.95 -20.02
C ALA A 89 -13.97 19.47 -18.58
N ASP A 90 -12.78 19.47 -17.94
CA ASP A 90 -11.50 19.89 -18.49
C ASP A 90 -10.49 18.75 -18.62
N GLY A 91 -10.68 17.69 -17.83
CA GLY A 91 -9.99 16.41 -18.03
C GLY A 91 -9.62 15.72 -16.73
N ILE A 92 -8.83 14.67 -16.86
CA ILE A 92 -8.38 13.78 -15.75
C ILE A 92 -6.86 13.74 -15.85
N ALA A 93 -6.19 13.67 -14.70
CA ALA A 93 -4.73 13.57 -14.59
C ALA A 93 -4.38 12.50 -13.55
N PHE A 94 -3.31 11.75 -13.85
CA PHE A 94 -2.55 10.93 -12.89
C PHE A 94 -1.35 11.76 -12.44
N PHE A 95 -1.15 11.89 -11.14
CA PHE A 95 -0.06 12.75 -10.64
C PHE A 95 0.66 12.08 -9.48
N ILE A 96 1.90 12.56 -9.31
CA ILE A 96 2.84 12.29 -8.19
C ILE A 96 3.12 13.65 -7.57
N SER A 97 2.95 13.76 -6.26
CA SER A 97 3.18 15.04 -5.54
C SER A 97 3.99 14.80 -4.26
N ASN A 98 4.39 15.88 -3.62
CA ASN A 98 4.83 15.86 -2.21
C ASN A 98 3.67 15.30 -1.38
N ILE A 99 3.99 14.60 -0.29
CA ILE A 99 3.03 13.69 0.42
C ILE A 99 1.84 14.49 0.98
N ASP A 100 2.02 15.75 1.37
CA ASP A 100 0.96 16.57 2.01
C ASP A 100 0.32 17.54 0.99
N SER A 101 0.26 17.18 -0.28
CA SER A 101 -0.28 18.03 -1.37
C SER A 101 -1.80 18.12 -1.22
N SER A 102 -2.37 19.32 -1.35
CA SER A 102 -3.83 19.57 -1.41
C SER A 102 -4.19 20.36 -2.69
N ILE A 103 -5.48 20.43 -3.01
CA ILE A 103 -5.98 21.16 -4.20
C ILE A 103 -5.54 22.62 -4.03
N PRO A 104 -4.81 23.21 -4.99
CA PRO A 104 -4.49 24.64 -4.93
C PRO A 104 -5.73 25.51 -5.20
N SER A 105 -5.74 26.69 -4.60
CA SER A 105 -6.84 27.66 -4.67
C SER A 105 -7.13 27.98 -6.14
N GLY A 106 -8.40 27.90 -6.54
CA GLY A 106 -8.85 28.27 -7.89
C GLY A 106 -8.35 27.35 -8.99
N SER A 107 -7.96 26.10 -8.68
CA SER A 107 -7.38 25.14 -9.67
C SER A 107 -8.49 24.36 -10.40
N THR A 108 -9.75 24.85 -10.43
CA THR A 108 -10.84 24.24 -11.23
C THR A 108 -10.56 24.51 -12.72
N GLY A 109 -11.41 23.95 -13.59
CA GLY A 109 -11.28 24.11 -15.05
C GLY A 109 -9.92 23.68 -15.56
N ARG A 110 -9.27 24.55 -16.34
CA ARG A 110 -8.04 24.30 -17.15
C ARG A 110 -6.83 23.87 -16.31
N LEU A 111 -6.78 24.15 -15.00
CA LEU A 111 -5.62 23.82 -14.13
C LEU A 111 -5.76 22.42 -13.51
N LEU A 112 -6.90 21.74 -13.72
CA LEU A 112 -7.06 20.27 -13.50
C LEU A 112 -6.86 19.86 -12.02
N GLY A 113 -6.98 20.77 -11.06
CA GLY A 113 -6.81 20.46 -9.63
C GLY A 113 -5.37 20.25 -9.22
N LEU A 114 -4.41 20.58 -10.11
CA LEU A 114 -2.95 20.33 -9.92
C LEU A 114 -2.16 21.62 -9.66
N PHE A 115 -2.50 22.74 -10.33
CA PHE A 115 -1.65 23.96 -10.36
C PHE A 115 -2.45 25.19 -9.93
N PRO A 116 -1.81 26.14 -9.20
CA PRO A 116 -2.45 27.39 -8.79
C PRO A 116 -2.66 28.38 -9.95
N ASP A 117 -1.80 28.30 -10.98
CA ASP A 117 -1.80 29.19 -12.17
C ASP A 117 -1.13 28.44 -13.32
N ALA A 118 -1.07 29.08 -14.50
CA ALA A 118 -0.40 28.58 -15.73
C ALA A 118 0.93 29.31 -15.98
N ASN A 119 1.70 29.56 -14.91
CA ASN A 119 3.13 29.97 -14.94
C ASN A 119 3.21 31.48 -15.18
N ALA A 135 4.98 26.27 -3.19
CA ALA A 135 3.76 25.43 -3.06
C ALA A 135 4.15 23.94 -3.12
N ASP A 136 3.35 23.11 -3.81
CA ASP A 136 3.54 21.64 -3.95
C ASP A 136 4.44 21.37 -5.17
N THR A 137 5.11 20.21 -5.22
CA THR A 137 5.79 19.72 -6.44
C THR A 137 4.85 18.74 -7.13
N ILE A 138 4.45 19.01 -8.38
CA ILE A 138 3.55 18.15 -9.19
C ILE A 138 4.31 17.67 -10.43
N VAL A 139 4.24 16.35 -10.71
CA VAL A 139 4.49 15.69 -12.02
C VAL A 139 3.19 14.98 -12.41
N ALA A 140 2.64 15.23 -13.60
CA ALA A 140 1.33 14.68 -14.00
C ALA A 140 1.36 14.17 -15.45
N VAL A 141 0.50 13.19 -15.70
CA VAL A 141 0.01 12.87 -17.07
C VAL A 141 -1.45 13.34 -17.17
N GLU A 142 -1.73 14.23 -18.12
CA GLU A 142 -3.04 14.90 -18.24
C GLU A 142 -3.76 14.26 -19.44
N LEU A 143 -5.00 13.83 -19.19
CA LEU A 143 -5.99 13.50 -20.24
C LEU A 143 -6.82 14.77 -20.42
N ASP A 144 -6.34 15.66 -21.30
CA ASP A 144 -6.89 17.02 -21.47
C ASP A 144 -7.95 17.01 -22.59
N THR A 145 -9.21 17.16 -22.19
CA THR A 145 -10.40 17.02 -23.05
C THR A 145 -10.76 18.33 -23.75
N TYR A 146 -10.20 19.46 -23.30
CA TYR A 146 -10.57 20.82 -23.75
C TYR A 146 -9.33 21.66 -24.05
N PRO A 147 -9.09 22.01 -25.33
CA PRO A 147 -7.90 22.77 -25.72
C PRO A 147 -8.05 24.24 -25.32
N ASN A 148 -7.25 24.67 -24.33
CA ASN A 148 -7.11 26.10 -23.88
C ASN A 148 -5.82 26.69 -24.47
N THR A 149 -5.87 27.36 -25.61
CA THR A 149 -4.63 27.76 -26.36
C THR A 149 -3.82 28.83 -25.58
N ASP A 150 -4.41 29.59 -24.64
CA ASP A 150 -3.71 30.72 -23.94
C ASP A 150 -2.88 30.21 -22.76
N ILE A 151 -3.09 28.97 -22.33
CA ILE A 151 -2.17 28.31 -21.36
C ILE A 151 -1.39 27.21 -22.08
N GLY A 152 -1.33 27.26 -23.41
CA GLY A 152 -0.33 26.53 -24.21
C GLY A 152 -0.77 25.12 -24.58
N ASP A 153 -2.07 24.82 -24.53
CA ASP A 153 -2.60 23.55 -25.08
C ASP A 153 -2.47 23.61 -26.60
N PRO A 154 -2.25 22.47 -27.30
CA PRO A 154 -2.53 22.42 -28.73
C PRO A 154 -4.06 22.51 -28.94
N SER A 155 -4.50 22.70 -30.18
CA SER A 155 -5.88 23.14 -30.50
C SER A 155 -6.81 21.93 -30.67
N TYR A 156 -6.43 20.77 -30.13
CA TYR A 156 -7.28 19.54 -30.06
C TYR A 156 -7.13 18.94 -28.65
N PRO A 157 -8.04 18.01 -28.29
CA PRO A 157 -7.90 17.20 -27.07
C PRO A 157 -6.56 16.46 -27.12
N HIS A 158 -5.91 16.24 -25.98
CA HIS A 158 -4.52 15.72 -25.99
C HIS A 158 -4.18 15.02 -24.68
N ILE A 159 -3.18 14.16 -24.73
CA ILE A 159 -2.50 13.60 -23.52
C ILE A 159 -1.20 14.40 -23.39
N GLY A 160 -0.81 14.73 -22.18
CA GLY A 160 0.33 15.63 -21.99
C GLY A 160 1.14 15.22 -20.81
N ILE A 161 2.45 15.43 -20.88
CA ILE A 161 3.37 15.23 -19.73
C ILE A 161 3.68 16.58 -19.13
N ASP A 162 3.34 16.76 -17.86
CA ASP A 162 3.44 18.05 -17.11
C ASP A 162 4.47 17.91 -15.98
N ILE A 163 5.56 18.66 -16.07
CA ILE A 163 6.67 18.62 -15.07
C ILE A 163 6.69 19.98 -14.39
N LYS A 164 6.01 20.14 -13.25
CA LYS A 164 6.06 21.33 -12.38
C LYS A 164 5.33 22.52 -13.00
N SER A 165 4.45 22.26 -13.97
CA SER A 165 3.77 23.27 -14.84
C SER A 165 2.60 22.61 -15.58
N VAL A 166 1.46 23.30 -15.68
CA VAL A 166 0.28 22.89 -16.53
C VAL A 166 0.66 22.97 -18.02
N ARG A 167 1.67 23.77 -18.39
CA ARG A 167 2.12 23.88 -19.81
C ARG A 167 2.94 22.65 -20.19
N SER A 168 2.32 21.67 -20.84
CA SER A 168 2.87 20.31 -21.02
C SER A 168 4.23 20.44 -21.69
N LYS A 169 5.19 19.60 -21.32
CA LYS A 169 6.53 19.58 -21.95
C LYS A 169 6.44 18.84 -23.28
N LYS A 170 5.50 17.89 -23.38
CA LYS A 170 5.22 17.09 -24.59
C LYS A 170 3.74 16.69 -24.58
N THR A 171 3.09 16.73 -25.74
CA THR A 171 1.66 16.34 -25.88
C THR A 171 1.52 15.42 -27.07
N ALA A 172 0.44 14.63 -27.12
CA ALA A 172 -0.03 13.88 -28.30
C ALA A 172 -1.52 14.15 -28.46
N LYS A 173 -1.97 14.22 -29.71
CA LYS A 173 -3.40 14.38 -30.07
C LYS A 173 -4.15 13.18 -29.50
N TRP A 174 -5.32 13.41 -28.92
CA TRP A 174 -6.14 12.35 -28.31
C TRP A 174 -7.52 12.37 -28.97
N ASN A 175 -7.91 11.27 -29.60
CA ASN A 175 -9.24 11.17 -30.26
C ASN A 175 -10.22 10.64 -29.21
N MET A 176 -10.62 11.50 -28.27
CA MET A 176 -11.43 11.09 -27.10
C MET A 176 -12.86 10.76 -27.57
N GLN A 177 -13.46 9.73 -26.97
CA GLN A 177 -14.81 9.23 -27.32
C GLN A 177 -15.74 9.52 -26.13
N ASN A 178 -16.49 10.63 -26.21
CA ASN A 178 -17.50 11.04 -25.19
C ASN A 178 -18.44 9.86 -24.90
N GLY A 179 -18.46 9.38 -23.66
CA GLY A 179 -19.44 8.40 -23.18
C GLY A 179 -18.94 6.98 -23.31
N LYS A 180 -17.67 6.77 -23.69
CA LYS A 180 -17.03 5.44 -23.73
C LYS A 180 -16.00 5.28 -22.60
N VAL A 181 -15.79 4.03 -22.20
CA VAL A 181 -14.79 3.64 -21.18
C VAL A 181 -13.39 3.61 -21.84
N GLY A 182 -12.48 4.48 -21.42
CA GLY A 182 -11.09 4.49 -21.91
C GLY A 182 -10.15 3.85 -20.91
N THR A 183 -8.95 3.48 -21.36
CA THR A 183 -7.86 2.98 -20.49
C THR A 183 -6.66 3.90 -20.62
N ALA A 184 -6.07 4.28 -19.49
CA ALA A 184 -4.80 5.04 -19.45
C ALA A 184 -3.75 4.15 -18.80
N HIS A 185 -2.54 4.11 -19.37
CA HIS A 185 -1.38 3.34 -18.87
C HIS A 185 -0.18 4.27 -18.85
N ILE A 186 0.34 4.57 -17.66
CA ILE A 186 1.56 5.42 -17.46
C ILE A 186 2.72 4.50 -17.07
N ILE A 187 3.90 4.71 -17.68
CA ILE A 187 5.16 3.97 -17.41
C ILE A 187 6.26 5.01 -17.12
N TYR A 188 6.91 4.94 -15.96
CA TYR A 188 8.20 5.62 -15.71
C TYR A 188 9.31 4.57 -15.62
N ASN A 189 10.25 4.65 -16.56
CA ASN A 189 11.54 3.90 -16.65
C ASN A 189 12.65 4.73 -15.99
N SER A 190 13.11 4.34 -14.80
CA SER A 190 14.12 5.05 -13.99
C SER A 190 15.55 4.81 -14.52
N VAL A 191 15.73 3.78 -15.36
CA VAL A 191 17.05 3.43 -15.96
C VAL A 191 17.32 4.34 -17.14
N ASP A 192 16.41 4.36 -18.12
CA ASP A 192 16.53 5.18 -19.34
C ASP A 192 16.00 6.60 -19.09
N LYS A 193 15.35 6.86 -17.96
CA LYS A 193 14.85 8.21 -17.56
C LYS A 193 13.76 8.68 -18.56
N ARG A 194 12.65 7.94 -18.66
CA ARG A 194 11.62 8.18 -19.71
C ARG A 194 10.23 7.99 -19.10
N LEU A 195 9.38 9.00 -19.22
CA LEU A 195 7.97 9.00 -18.76
C LEU A 195 7.08 8.89 -20.00
N SER A 196 6.34 7.79 -20.07
CA SER A 196 5.44 7.42 -21.17
C SER A 196 4.00 7.31 -20.66
N ALA A 197 3.05 7.68 -21.50
CA ALA A 197 1.60 7.51 -21.30
C ALA A 197 1.00 6.97 -22.60
N VAL A 198 0.07 6.05 -22.46
CA VAL A 198 -0.75 5.46 -23.56
C VAL A 198 -2.20 5.57 -23.11
N VAL A 199 -3.09 6.13 -23.95
CA VAL A 199 -4.55 6.18 -23.69
C VAL A 199 -5.28 5.50 -24.83
N SER A 200 -6.27 4.68 -24.54
CA SER A 200 -6.90 3.84 -25.59
C SER A 200 -8.36 3.58 -25.28
N TYR A 201 -9.16 3.50 -26.35
CA TYR A 201 -10.56 3.00 -26.32
C TYR A 201 -10.60 1.69 -27.09
N PRO A 202 -11.60 0.82 -26.85
CA PRO A 202 -11.75 -0.39 -27.68
C PRO A 202 -11.87 -0.05 -29.18
N ASN A 203 -11.22 -0.85 -30.04
CA ASN A 203 -11.34 -0.80 -31.53
C ASN A 203 -10.75 0.49 -32.12
N ALA A 204 -10.04 1.32 -31.33
CA ALA A 204 -9.41 2.58 -31.78
C ALA A 204 -7.89 2.49 -31.61
N ASP A 205 -7.15 3.21 -32.44
CA ASP A 205 -5.70 3.43 -32.25
C ASP A 205 -5.48 4.17 -30.93
N SER A 206 -4.45 3.81 -30.18
CA SER A 206 -4.01 4.49 -28.94
C SER A 206 -3.38 5.86 -29.26
N ALA A 207 -3.47 6.81 -28.33
CA ALA A 207 -2.57 7.98 -28.26
C ALA A 207 -1.42 7.63 -27.32
N THR A 208 -0.19 8.00 -27.69
CA THR A 208 1.05 7.73 -26.90
C THR A 208 1.97 8.95 -26.94
N VAL A 209 2.53 9.31 -25.80
CA VAL A 209 3.53 10.40 -25.62
C VAL A 209 4.59 9.91 -24.64
N SER A 210 5.84 10.28 -24.90
CA SER A 210 7.04 9.90 -24.13
C SER A 210 7.88 11.15 -23.92
N TYR A 211 8.51 11.29 -22.78
CA TYR A 211 9.37 12.46 -22.51
C TYR A 211 10.54 12.05 -21.62
N ASP A 212 11.75 12.43 -22.03
CA ASP A 212 13.00 12.20 -21.28
C ASP A 212 13.05 13.15 -20.10
N VAL A 213 13.08 12.59 -18.90
CA VAL A 213 13.06 13.34 -17.63
C VAL A 213 13.53 12.37 -16.55
N ASP A 214 14.55 12.78 -15.81
CA ASP A 214 15.01 12.05 -14.62
C ASP A 214 14.18 12.52 -13.43
N LEU A 215 13.22 11.70 -12.99
CA LEU A 215 12.24 12.14 -11.97
C LEU A 215 12.92 12.35 -10.60
N ASP A 216 14.07 11.71 -10.34
CA ASP A 216 14.83 11.86 -9.06
C ASP A 216 15.48 13.25 -8.95
N ASN A 217 15.47 14.05 -10.01
CA ASN A 217 15.91 15.47 -10.02
C ASN A 217 14.71 16.41 -9.86
N VAL A 218 13.48 15.93 -10.02
CA VAL A 218 12.25 16.79 -9.98
C VAL A 218 11.51 16.57 -8.67
N LEU A 219 11.39 15.32 -8.26
CA LEU A 219 10.49 14.92 -7.14
C LEU A 219 11.29 14.74 -5.87
N PRO A 220 10.67 14.97 -4.69
CA PRO A 220 11.26 14.54 -3.42
C PRO A 220 11.35 13.01 -3.31
N GLU A 221 12.09 12.57 -2.31
CA GLU A 221 12.38 11.15 -2.03
C GLU A 221 11.06 10.40 -1.82
N TRP A 222 10.16 11.01 -1.05
CA TRP A 222 8.84 10.45 -0.73
C TRP A 222 7.76 11.25 -1.44
N VAL A 223 6.81 10.55 -2.06
CA VAL A 223 5.67 11.14 -2.81
C VAL A 223 4.35 10.46 -2.42
N ARG A 224 3.23 11.13 -2.66
CA ARG A 224 1.94 10.44 -2.86
C ARG A 224 1.61 10.47 -4.34
N VAL A 225 0.91 9.42 -4.77
CA VAL A 225 0.38 9.27 -6.14
C VAL A 225 -1.13 9.44 -6.04
N GLY A 226 -1.72 9.97 -7.10
CA GLY A 226 -3.14 10.32 -7.09
C GLY A 226 -3.71 10.51 -8.48
N LEU A 227 -5.03 10.65 -8.49
CA LEU A 227 -5.86 11.04 -9.64
C LEU A 227 -6.49 12.39 -9.30
N SER A 228 -6.53 13.29 -10.28
CA SER A 228 -7.18 14.60 -10.18
C SER A 228 -8.11 14.79 -11.37
N ALA A 229 -9.14 15.62 -11.23
CA ALA A 229 -10.04 15.97 -12.35
C ALA A 229 -10.75 17.27 -12.02
N SER A 230 -11.16 18.00 -13.05
CA SER A 230 -11.87 19.28 -12.89
C SER A 230 -12.86 19.51 -14.03
N THR A 231 -13.83 20.37 -13.76
CA THR A 231 -14.74 21.01 -14.74
C THR A 231 -14.60 22.52 -14.47
N GLY A 232 -14.94 23.36 -15.41
CA GLY A 232 -15.04 24.82 -15.19
C GLY A 232 -16.35 25.31 -15.76
N LEU A 233 -16.30 26.18 -16.75
CA LEU A 233 -17.51 26.63 -17.49
C LEU A 233 -18.12 25.42 -18.18
N TYR A 234 -17.30 24.64 -18.88
CA TYR A 234 -17.73 23.37 -19.51
C TYR A 234 -17.39 22.24 -18.54
N LYS A 235 -18.10 21.11 -18.67
CA LYS A 235 -18.26 20.09 -17.61
C LYS A 235 -18.33 18.70 -18.26
N GLU A 236 -18.03 17.68 -17.48
CA GLU A 236 -18.05 16.26 -17.91
C GLU A 236 -18.09 15.43 -16.65
N THR A 237 -18.53 14.18 -16.75
CA THR A 237 -18.32 13.16 -15.69
C THR A 237 -16.82 12.86 -15.68
N ASN A 238 -16.24 12.72 -14.51
CA ASN A 238 -14.82 12.30 -14.35
C ASN A 238 -14.81 11.02 -13.50
N THR A 239 -15.40 9.98 -14.06
CA THR A 239 -15.66 8.69 -13.39
C THR A 239 -14.47 7.76 -13.59
N ILE A 240 -13.86 7.33 -12.48
CA ILE A 240 -12.81 6.28 -12.43
C ILE A 240 -13.45 4.92 -12.08
N LEU A 241 -13.27 3.89 -12.91
CA LEU A 241 -13.89 2.55 -12.69
C LEU A 241 -12.86 1.59 -12.10
N SER A 242 -11.57 1.88 -12.31
CA SER A 242 -10.45 1.08 -11.76
C SER A 242 -9.15 1.89 -11.81
N TRP A 243 -8.22 1.54 -10.93
CA TRP A 243 -6.93 2.24 -10.75
C TRP A 243 -5.95 1.29 -10.07
N SER A 244 -4.88 0.95 -10.76
CA SER A 244 -3.78 0.17 -10.15
C SER A 244 -2.47 0.89 -10.40
N PHE A 245 -1.51 0.62 -9.52
CA PHE A 245 -0.20 1.29 -9.45
C PHE A 245 0.80 0.28 -8.91
N THR A 246 1.98 0.27 -9.51
CA THR A 246 3.15 -0.52 -9.05
C THR A 246 4.37 0.39 -9.10
N SER A 247 5.13 0.40 -8.00
CA SER A 247 6.42 1.09 -7.86
C SER A 247 7.45 0.07 -7.36
N LYS A 248 8.56 -0.05 -8.09
CA LYS A 248 9.73 -0.90 -7.71
C LYS A 248 10.93 0.02 -7.54
N LEU A 249 11.37 0.11 -6.29
CA LEU A 249 12.60 0.85 -5.90
C LEU A 249 13.77 -0.14 -5.92
N LYS A 250 14.68 0.01 -6.89
CA LYS A 250 15.68 -1.05 -7.22
C LYS A 250 16.94 -0.39 -7.79
N SER A 251 18.00 -1.18 -7.89
CA SER A 251 19.28 -0.79 -8.53
C SER A 251 19.02 -0.33 -9.97
N ASN A 252 19.64 0.79 -10.38
CA ASN A 252 19.53 1.28 -11.78
C ASN A 252 20.58 0.57 -12.64
N GLU A 253 21.28 -0.43 -12.10
CA GLU A 253 22.13 -1.36 -12.89
C GLU A 253 21.31 -2.55 -13.40
N ILE A 254 20.14 -2.83 -12.80
CA ILE A 254 19.30 -4.00 -13.19
C ILE A 254 18.11 -3.54 -14.03
N PRO A 255 17.71 -4.37 -15.01
CA PRO A 255 16.64 -4.00 -15.93
C PRO A 255 15.25 -4.19 -15.31
N ASP A 256 14.31 -3.36 -15.74
CA ASP A 256 12.90 -3.42 -15.30
C ASP A 256 12.27 -4.68 -15.88
N ILE A 257 11.48 -5.37 -15.07
CA ILE A 257 10.47 -6.38 -15.51
C ILE A 257 9.20 -5.63 -15.90
N ALA A 258 8.74 -5.81 -17.15
CA ALA A 258 7.43 -5.34 -17.64
C ALA A 258 6.33 -5.91 -16.74
N THR A 259 5.16 -5.28 -16.72
CA THR A 259 3.97 -5.75 -15.94
C THR A 259 3.15 -6.74 -16.79
N VAL A 260 2.80 -6.36 -18.01
CA VAL A 260 1.99 -7.23 -18.91
C VAL A 260 2.92 -8.25 -19.58
N THR B 2 -9.03 -12.94 -13.71
CA THR B 2 -10.09 -11.92 -14.08
C THR B 2 -9.66 -10.57 -13.50
N HIS B 3 -10.61 -9.64 -13.37
CA HIS B 3 -10.41 -8.17 -13.32
C HIS B 3 -11.28 -7.52 -12.23
N GLU B 4 -11.71 -8.30 -11.21
CA GLU B 4 -12.83 -7.97 -10.28
C GLU B 4 -12.32 -7.99 -8.84
N THR B 5 -11.03 -7.74 -8.67
CA THR B 5 -10.25 -7.99 -7.43
C THR B 5 -9.65 -6.66 -6.94
N ASN B 6 -9.83 -6.33 -5.67
CA ASN B 6 -9.05 -5.28 -4.97
C ASN B 6 -7.80 -5.95 -4.37
N ALA B 7 -6.62 -5.30 -4.42
CA ALA B 7 -5.36 -5.91 -3.94
C ALA B 7 -4.43 -4.86 -3.36
N LEU B 8 -3.71 -5.24 -2.31
CA LEU B 8 -2.55 -4.49 -1.78
C LEU B 8 -1.37 -5.46 -1.67
N HIS B 9 -0.21 -5.06 -2.19
CA HIS B 9 1.09 -5.77 -2.07
C HIS B 9 2.15 -4.76 -1.64
N PHE B 10 2.95 -5.08 -0.62
CA PHE B 10 4.20 -4.35 -0.32
C PHE B 10 5.30 -5.37 -0.07
N MET B 11 6.54 -4.94 -0.33
CA MET B 11 7.77 -5.72 -0.08
C MET B 11 8.85 -4.77 0.42
N PHE B 12 9.46 -5.10 1.57
CA PHE B 12 10.69 -4.46 2.08
C PHE B 12 11.80 -5.52 2.06
N ASN B 13 12.83 -5.32 1.24
CA ASN B 13 14.08 -6.13 1.31
C ASN B 13 15.11 -5.33 2.10
N GLN B 14 14.79 -4.09 2.40
CA GLN B 14 15.70 -3.14 3.06
C GLN B 14 14.84 -2.09 3.77
N PHE B 15 15.24 -1.72 4.98
CA PHE B 15 14.64 -0.63 5.77
C PHE B 15 15.66 0.47 5.88
N SER B 16 15.25 1.73 5.78
CA SER B 16 16.16 2.88 5.99
C SER B 16 15.65 3.64 7.21
N LYS B 17 16.40 4.64 7.64
CA LYS B 17 15.91 5.65 8.61
C LYS B 17 14.76 6.39 7.93
N ASP B 18 13.76 6.81 8.69
CA ASP B 18 12.60 7.55 8.15
C ASP B 18 11.96 6.71 7.06
N GLN B 19 11.53 5.51 7.43
CA GLN B 19 10.73 4.61 6.57
C GLN B 19 9.28 5.11 6.70
N LYS B 20 8.90 6.08 5.85
CA LYS B 20 7.65 6.88 6.00
C LYS B 20 6.42 6.00 5.82
N ASP B 21 6.52 4.85 5.14
CA ASP B 21 5.38 3.93 4.95
C ASP B 21 5.31 2.88 6.07
N LEU B 22 6.10 3.01 7.12
CA LEU B 22 5.97 2.18 8.35
C LEU B 22 5.62 3.05 9.55
N ILE B 23 4.63 2.65 10.35
CA ILE B 23 4.40 3.21 11.70
C ILE B 23 5.23 2.41 12.71
N LEU B 24 6.21 3.05 13.35
CA LEU B 24 7.02 2.38 14.41
C LEU B 24 6.43 2.74 15.78
N GLN B 25 6.30 1.73 16.65
CA GLN B 25 5.74 1.84 18.00
C GLN B 25 6.76 1.26 18.98
N GLY B 26 6.85 1.80 20.19
CA GLY B 26 7.74 1.28 21.26
C GLY B 26 9.20 1.44 20.90
N ASP B 27 10.00 0.37 21.03
CA ASP B 27 11.49 0.44 20.90
C ASP B 27 11.90 0.19 19.45
N ALA B 28 10.97 -0.01 18.54
CA ALA B 28 11.26 -0.42 17.14
C ALA B 28 12.04 0.68 16.43
N THR B 29 13.13 0.33 15.76
CA THR B 29 13.89 1.26 14.90
C THR B 29 14.19 0.61 13.56
N THR B 30 14.44 1.44 12.55
CA THR B 30 14.83 1.02 11.19
C THR B 30 16.21 1.61 10.89
N GLY B 31 16.89 1.04 9.89
CA GLY B 31 18.03 1.63 9.17
C GLY B 31 19.32 1.48 9.96
N THR B 32 19.43 0.41 10.74
CA THR B 32 20.72 -0.13 11.27
C THR B 32 21.04 -1.38 10.47
N ASP B 33 22.04 -1.27 9.60
CA ASP B 33 22.46 -2.30 8.60
C ASP B 33 21.29 -2.65 7.68
N GLY B 34 20.42 -1.67 7.39
CA GLY B 34 19.25 -1.84 6.50
C GLY B 34 18.17 -2.76 7.06
N ASN B 35 18.17 -2.98 8.39
CA ASN B 35 17.26 -3.91 9.11
C ASN B 35 16.23 -3.17 9.95
N LEU B 36 15.18 -3.89 10.33
CA LEU B 36 14.16 -3.44 11.30
C LEU B 36 14.45 -4.13 12.63
N GLU B 37 14.84 -3.38 13.65
CA GLU B 37 15.06 -3.92 15.02
C GLU B 37 13.78 -3.68 15.82
N LEU B 38 13.01 -4.73 16.12
CA LEU B 38 11.70 -4.53 16.80
C LEU B 38 11.91 -4.22 18.27
N THR B 39 12.92 -4.84 18.91
CA THR B 39 13.30 -4.61 20.32
C THR B 39 14.68 -3.97 20.40
N ARG B 40 14.92 -3.29 21.52
CA ARG B 40 16.11 -2.45 21.81
C ARG B 40 17.38 -3.30 21.74
N VAL B 41 18.35 -2.89 20.92
CA VAL B 41 19.70 -3.52 20.89
C VAL B 41 20.73 -2.47 21.32
N SER B 42 21.66 -2.84 22.22
CA SER B 42 22.66 -1.92 22.83
C SER B 42 23.65 -1.49 21.76
N SER B 43 24.41 -0.43 22.03
CA SER B 43 25.39 0.16 21.07
C SER B 43 26.38 -0.92 20.58
N ASN B 44 26.59 -2.00 21.36
CA ASN B 44 27.57 -3.10 21.11
C ASN B 44 26.91 -4.33 20.45
N GLY B 45 25.61 -4.29 20.16
CA GLY B 45 24.89 -5.36 19.44
C GLY B 45 24.16 -6.33 20.38
N SER B 46 24.24 -6.15 21.70
CA SER B 46 23.56 -7.02 22.69
C SER B 46 22.11 -6.59 22.90
N PRO B 47 21.15 -7.55 22.85
CA PRO B 47 19.75 -7.21 23.06
C PRO B 47 19.50 -6.79 24.52
N GLN B 48 18.41 -6.08 24.76
CA GLN B 48 18.00 -5.60 26.11
C GLN B 48 16.72 -6.30 26.54
N GLY B 49 16.58 -6.51 27.86
CA GLY B 49 15.35 -6.98 28.53
C GLY B 49 14.30 -5.89 28.61
N SER B 50 13.09 -6.28 28.98
CA SER B 50 11.96 -5.37 29.27
C SER B 50 11.71 -4.45 28.06
N SER B 51 11.81 -4.99 26.85
CA SER B 51 11.63 -4.21 25.61
C SER B 51 10.44 -4.73 24.81
N VAL B 52 9.77 -3.83 24.12
CA VAL B 52 8.63 -4.14 23.23
C VAL B 52 8.59 -3.12 22.09
N GLY B 53 8.33 -3.60 20.88
CA GLY B 53 8.24 -2.75 19.68
C GLY B 53 7.47 -3.40 18.56
N ARG B 54 6.91 -2.58 17.69
CA ARG B 54 6.09 -3.06 16.55
C ARG B 54 6.30 -2.10 15.38
N ALA B 55 6.12 -2.64 14.18
CA ALA B 55 6.08 -1.89 12.91
C ALA B 55 4.77 -2.24 12.19
N LEU B 56 3.97 -1.23 11.84
CA LEU B 56 2.70 -1.46 11.09
C LEU B 56 2.82 -0.82 9.70
N PHE B 57 2.28 -1.48 8.69
CA PHE B 57 2.20 -0.85 7.34
C PHE B 57 1.21 0.32 7.44
N TYR B 58 1.53 1.41 6.77
CA TYR B 58 0.81 2.70 6.86
C TYR B 58 -0.62 2.59 6.28
N ALA B 59 -0.80 1.97 5.11
CA ALA B 59 -2.13 1.83 4.46
C ALA B 59 -2.95 0.80 5.23
N PRO B 60 -4.17 1.15 5.70
CA PRO B 60 -5.12 0.15 6.16
C PRO B 60 -5.44 -0.88 5.06
N VAL B 61 -5.79 -2.09 5.47
CA VAL B 61 -6.14 -3.21 4.56
C VAL B 61 -7.63 -3.57 4.76
N HIS B 62 -8.37 -3.68 3.66
CA HIS B 62 -9.81 -4.06 3.63
C HIS B 62 -9.91 -5.60 3.66
N ILE B 63 -10.35 -6.18 4.77
CA ILE B 63 -10.20 -7.65 5.02
C ILE B 63 -11.55 -8.38 4.87
N TRP B 64 -12.68 -7.71 5.11
CA TRP B 64 -14.00 -8.32 4.77
C TRP B 64 -15.02 -7.26 4.39
N GLU B 65 -16.16 -7.68 3.87
CA GLU B 65 -17.26 -6.77 3.46
C GLU B 65 -18.58 -7.35 3.95
N SER B 66 -19.64 -6.53 3.94
CA SER B 66 -20.93 -6.85 4.62
C SER B 66 -21.59 -8.07 3.96
N SER B 67 -21.12 -8.44 2.77
CA SER B 67 -21.46 -9.65 1.97
C SER B 67 -20.88 -10.95 2.55
N ALA B 68 -20.03 -10.86 3.58
CA ALA B 68 -19.30 -11.99 4.21
C ALA B 68 -18.21 -12.48 3.27
N VAL B 69 -17.86 -11.68 2.26
CA VAL B 69 -16.65 -11.90 1.42
C VAL B 69 -15.45 -11.48 2.26
N VAL B 70 -14.48 -12.38 2.37
CA VAL B 70 -13.26 -12.22 3.21
C VAL B 70 -12.04 -12.27 2.28
N ALA B 71 -11.09 -11.35 2.49
CA ALA B 71 -9.79 -11.29 1.78
C ALA B 71 -9.04 -12.60 1.98
N SER B 72 -8.27 -13.08 0.98
CA SER B 72 -7.15 -14.04 1.19
C SER B 72 -5.90 -13.20 1.35
N PHE B 73 -4.90 -13.67 2.08
CA PHE B 73 -3.65 -12.90 2.22
C PHE B 73 -2.47 -13.86 2.46
N GLU B 74 -1.28 -13.36 2.13
CA GLU B 74 0.04 -13.99 2.32
C GLU B 74 0.92 -12.92 3.01
N ALA B 75 1.72 -13.33 3.99
CA ALA B 75 2.81 -12.52 4.57
C ALA B 75 4.07 -13.38 4.60
N THR B 76 5.21 -12.78 4.29
CA THR B 76 6.53 -13.45 4.40
C THR B 76 7.48 -12.51 5.11
N PHE B 77 8.23 -13.02 6.08
CA PHE B 77 9.36 -12.24 6.65
C PHE B 77 10.55 -13.15 6.98
N THR B 78 11.71 -12.52 6.95
CA THR B 78 13.02 -13.09 7.34
C THR B 78 13.48 -12.35 8.59
N PHE B 79 13.95 -13.12 9.57
CA PHE B 79 14.26 -12.65 10.92
C PHE B 79 15.57 -13.27 11.38
N LEU B 80 16.23 -12.56 12.30
CA LEU B 80 17.46 -13.02 12.96
C LEU B 80 17.25 -12.85 14.46
N ILE B 81 17.03 -13.97 15.15
CA ILE B 81 16.99 -14.03 16.63
C ILE B 81 18.34 -14.55 17.14
N LYS B 82 19.12 -13.69 17.78
CA LYS B 82 20.38 -14.03 18.48
C LYS B 82 20.18 -13.79 19.97
N SER B 83 20.59 -14.74 20.81
CA SER B 83 20.77 -14.56 22.27
C SER B 83 22.16 -15.07 22.63
N PRO B 84 23.16 -14.19 22.83
CA PRO B 84 24.52 -14.63 23.15
C PRO B 84 24.62 -15.59 24.36
N ASP B 85 23.67 -15.52 25.31
CA ASP B 85 23.67 -16.31 26.57
C ASP B 85 22.91 -17.65 26.39
N SER B 86 22.37 -17.94 25.21
CA SER B 86 21.50 -19.11 24.95
C SER B 86 20.31 -19.11 25.92
N HIS B 87 19.80 -17.92 26.27
CA HIS B 87 18.61 -17.73 27.15
C HIS B 87 17.63 -16.78 26.46
N PRO B 88 17.03 -17.17 25.32
CA PRO B 88 16.21 -16.23 24.54
C PRO B 88 14.80 -16.06 25.11
N ALA B 89 14.26 -14.84 24.97
CA ALA B 89 12.83 -14.51 25.14
C ALA B 89 12.55 -13.16 24.46
N ASP B 90 11.29 -12.88 24.10
CA ASP B 90 10.11 -13.73 24.32
C ASP B 90 9.53 -14.17 22.97
N GLY B 91 9.82 -13.42 21.88
CA GLY B 91 9.53 -13.84 20.49
C GLY B 91 9.01 -12.72 19.59
N ILE B 92 8.67 -13.11 18.37
CA ILE B 92 8.20 -12.24 17.26
C ILE B 92 6.79 -12.68 16.91
N ALA B 93 5.94 -11.74 16.51
CA ALA B 93 4.60 -12.05 15.97
C ALA B 93 4.32 -11.18 14.75
N PHE B 94 3.71 -11.80 13.73
CA PHE B 94 2.94 -11.14 12.67
C PHE B 94 1.50 -11.00 13.15
N PHE B 95 0.96 -9.79 13.06
CA PHE B 95 -0.41 -9.56 13.57
C PHE B 95 -1.21 -8.71 12.57
N ILE B 96 -2.52 -8.75 12.81
CA ILE B 96 -3.60 -7.99 12.13
C ILE B 96 -4.43 -7.40 13.25
N SER B 97 -4.68 -6.08 13.20
CA SER B 97 -5.32 -5.32 14.30
C SER B 97 -6.27 -4.28 13.73
N ASN B 98 -7.18 -3.79 14.57
CA ASN B 98 -7.85 -2.49 14.35
C ASN B 98 -6.74 -1.50 13.97
N ILE B 99 -7.11 -0.50 13.17
CA ILE B 99 -6.17 0.38 12.41
C ILE B 99 -5.36 1.26 13.38
N ASP B 100 -5.94 1.65 14.51
CA ASP B 100 -5.34 2.64 15.47
C ASP B 100 -4.83 1.89 16.71
N SER B 101 -4.69 0.57 16.61
CA SER B 101 -4.05 -0.31 17.61
C SER B 101 -2.68 0.23 18.04
N SER B 102 -2.42 0.17 19.34
CA SER B 102 -1.12 0.55 19.94
C SER B 102 -0.68 -0.52 20.93
N ILE B 103 0.58 -0.45 21.34
CA ILE B 103 1.20 -1.39 22.33
C ILE B 103 0.41 -1.35 23.63
N PRO B 104 -0.23 -2.46 24.05
CA PRO B 104 -0.94 -2.49 25.33
C PRO B 104 0.03 -2.22 26.50
N SER B 105 -0.43 -1.54 27.53
CA SER B 105 0.34 -1.34 28.80
C SER B 105 0.83 -2.69 29.33
N GLY B 106 2.12 -2.78 29.65
CA GLY B 106 2.80 -3.94 30.25
C GLY B 106 2.85 -5.19 29.37
N SER B 107 2.89 -5.06 28.04
CA SER B 107 2.84 -6.22 27.11
C SER B 107 4.25 -6.72 26.72
N THR B 108 5.27 -6.31 27.49
CA THR B 108 6.63 -6.90 27.45
C THR B 108 6.53 -8.40 27.80
N GLY B 109 7.63 -9.12 27.63
CA GLY B 109 7.71 -10.54 28.00
C GLY B 109 6.69 -11.38 27.25
N ARG B 110 6.00 -12.27 27.96
CA ARG B 110 5.20 -13.37 27.35
C ARG B 110 4.04 -12.81 26.49
N LEU B 111 3.71 -11.52 26.63
CA LEU B 111 2.50 -10.94 26.01
C LEU B 111 2.84 -10.34 24.64
N LEU B 112 4.12 -10.27 24.28
CA LEU B 112 4.63 -10.17 22.88
C LEU B 112 4.24 -8.83 22.23
N GLY B 113 3.83 -7.82 23.00
CA GLY B 113 3.46 -6.50 22.47
C GLY B 113 2.05 -6.46 21.91
N LEU B 114 1.26 -7.53 22.11
CA LEU B 114 -0.05 -7.72 21.44
C LEU B 114 -1.21 -7.68 22.44
N PHE B 115 -1.05 -8.22 23.64
CA PHE B 115 -2.16 -8.41 24.59
C PHE B 115 -1.85 -7.68 25.90
N PRO B 116 -2.89 -7.12 26.55
CA PRO B 116 -2.71 -6.49 27.86
C PRO B 116 -2.67 -7.46 29.06
N ASP B 117 -2.96 -8.74 28.86
CA ASP B 117 -3.07 -9.77 29.94
C ASP B 117 -3.16 -11.16 29.27
N ALA B 118 -3.34 -12.20 30.08
CA ALA B 118 -3.38 -13.61 29.62
C ALA B 118 -4.76 -14.26 29.87
N ASN B 119 -5.82 -13.43 29.89
CA ASN B 119 -7.25 -13.74 30.20
C ASN B 119 -7.43 -13.77 31.72
N ALA B 135 -10.25 -3.17 24.13
CA ALA B 135 -9.65 -1.94 23.57
C ALA B 135 -9.17 -2.19 22.12
N ASP B 136 -8.33 -3.20 21.92
CA ASP B 136 -7.73 -3.57 20.61
C ASP B 136 -8.18 -4.99 20.27
N THR B 137 -8.31 -5.30 18.98
CA THR B 137 -8.62 -6.67 18.47
C THR B 137 -7.39 -7.17 17.70
N ILE B 138 -6.86 -8.33 18.09
CA ILE B 138 -5.60 -8.91 17.54
C ILE B 138 -5.86 -10.33 16.98
N VAL B 139 -5.37 -10.60 15.79
CA VAL B 139 -5.12 -11.97 15.30
C VAL B 139 -3.63 -12.02 14.99
N ALA B 140 -2.89 -12.98 15.54
CA ALA B 140 -1.44 -13.08 15.36
C ALA B 140 -1.02 -14.53 15.12
N VAL B 141 0.08 -14.67 14.39
CA VAL B 141 0.99 -15.85 14.47
C VAL B 141 2.20 -15.50 15.36
N GLU B 142 2.47 -16.28 16.38
CA GLU B 142 3.65 -16.09 17.25
C GLU B 142 4.78 -17.05 16.86
N LEU B 143 5.99 -16.49 16.81
CA LEU B 143 7.27 -17.24 16.92
C LEU B 143 7.69 -17.08 18.38
N ASP B 144 7.30 -18.05 19.22
CA ASP B 144 7.37 -17.94 20.70
C ASP B 144 8.65 -18.67 21.15
N THR B 145 9.61 -17.90 21.67
CA THR B 145 10.98 -18.41 21.98
C THR B 145 11.03 -18.93 23.41
N TYR B 146 10.02 -18.69 24.23
CA TYR B 146 10.12 -18.93 25.69
C TYR B 146 8.83 -19.60 26.18
N PRO B 147 8.90 -20.85 26.68
CA PRO B 147 7.70 -21.54 27.15
C PRO B 147 7.29 -20.96 28.51
N ASN B 148 6.09 -20.40 28.55
CA ASN B 148 5.32 -20.06 29.76
C ASN B 148 4.17 -21.07 29.85
N THR B 149 4.40 -22.22 30.48
CA THR B 149 3.45 -23.36 30.50
C THR B 149 2.22 -22.95 31.33
N ASP B 150 2.31 -21.95 32.20
CA ASP B 150 1.15 -21.50 33.03
C ASP B 150 0.11 -20.75 32.16
N ILE B 151 0.46 -20.29 30.95
CA ILE B 151 -0.51 -19.68 30.00
C ILE B 151 -0.63 -20.55 28.74
N GLY B 152 -0.37 -21.85 28.86
CA GLY B 152 -0.76 -22.84 27.83
C GLY B 152 0.31 -23.05 26.77
N ASP B 153 1.44 -22.35 26.82
CA ASP B 153 2.58 -22.67 25.93
C ASP B 153 2.93 -24.14 26.12
N PRO B 154 3.32 -24.88 25.06
CA PRO B 154 4.01 -26.16 25.26
C PRO B 154 5.39 -25.87 25.85
N SER B 155 6.11 -26.89 26.33
CA SER B 155 7.34 -26.68 27.14
C SER B 155 8.54 -26.63 26.20
N TYR B 156 8.39 -25.97 25.06
CA TYR B 156 9.47 -25.77 24.07
C TYR B 156 9.14 -24.56 23.20
N PRO B 157 10.16 -23.99 22.51
CA PRO B 157 9.91 -23.01 21.45
C PRO B 157 8.86 -23.58 20.48
N HIS B 158 7.93 -22.74 20.07
CA HIS B 158 6.74 -23.11 19.27
C HIS B 158 6.29 -21.92 18.42
N ILE B 159 5.60 -22.23 17.32
CA ILE B 159 4.79 -21.28 16.52
C ILE B 159 3.34 -21.46 16.97
N GLY B 160 2.57 -20.38 17.02
CA GLY B 160 1.17 -20.42 17.51
C GLY B 160 0.26 -19.50 16.73
N ILE B 161 -1.01 -19.89 16.61
CA ILE B 161 -2.10 -19.02 16.09
C ILE B 161 -2.84 -18.43 17.31
N ASP B 162 -2.83 -17.10 17.43
CA ASP B 162 -3.43 -16.35 18.55
C ASP B 162 -4.70 -15.62 18.06
N ILE B 163 -5.88 -16.06 18.47
CA ILE B 163 -7.16 -15.35 18.12
C ILE B 163 -7.67 -14.65 19.38
N LYS B 164 -7.43 -13.34 19.47
CA LYS B 164 -7.88 -12.40 20.55
C LYS B 164 -7.35 -12.82 21.92
N SER B 165 -6.31 -13.67 21.99
CA SER B 165 -5.74 -14.16 23.28
C SER B 165 -4.33 -14.71 23.05
N VAL B 166 -3.41 -14.45 23.99
CA VAL B 166 -2.03 -15.01 23.97
C VAL B 166 -2.08 -16.55 24.14
N ARG B 167 -3.14 -17.07 24.73
CA ARG B 167 -3.37 -18.54 24.87
C ARG B 167 -3.74 -19.11 23.49
N SER B 168 -2.71 -19.53 22.77
CA SER B 168 -2.75 -19.99 21.36
C SER B 168 -3.90 -20.99 21.17
N LYS B 169 -4.70 -20.83 20.12
CA LYS B 169 -5.70 -21.83 19.70
C LYS B 169 -5.00 -23.08 19.16
N LYS B 170 -3.85 -22.93 18.51
CA LYS B 170 -3.07 -24.08 17.98
C LYS B 170 -1.58 -23.76 18.06
N THR B 171 -0.75 -24.75 18.38
CA THR B 171 0.72 -24.61 18.46
C THR B 171 1.39 -25.79 17.76
N ALA B 172 2.62 -25.59 17.27
CA ALA B 172 3.51 -26.66 16.80
C ALA B 172 4.93 -26.41 17.34
N LYS B 173 5.70 -27.46 17.56
CA LYS B 173 7.07 -27.33 18.10
C LYS B 173 7.93 -26.59 17.06
N TRP B 174 8.77 -25.70 17.51
CA TRP B 174 9.64 -24.92 16.60
C TRP B 174 11.10 -25.04 17.04
N ASN B 175 11.93 -25.69 16.21
CA ASN B 175 13.39 -25.89 16.42
C ASN B 175 14.13 -24.61 16.01
N MET B 176 14.11 -23.60 16.87
CA MET B 176 14.64 -22.27 16.50
C MET B 176 16.17 -22.33 16.54
N GLN B 177 16.82 -21.63 15.61
CA GLN B 177 18.27 -21.68 15.32
C GLN B 177 18.87 -20.35 15.73
N ASN B 178 19.35 -20.28 16.98
CA ASN B 178 20.09 -19.11 17.53
C ASN B 178 21.09 -18.62 16.47
N GLY B 179 20.91 -17.37 16.03
CA GLY B 179 21.89 -16.65 15.19
C GLY B 179 21.79 -16.98 13.73
N LYS B 180 20.80 -17.77 13.31
CA LYS B 180 20.52 -18.04 11.87
C LYS B 180 19.35 -17.18 11.41
N VAL B 181 19.36 -16.80 10.13
CA VAL B 181 18.22 -16.13 9.43
C VAL B 181 17.17 -17.18 9.10
N GLY B 182 15.95 -16.98 9.57
CA GLY B 182 14.81 -17.87 9.29
C GLY B 182 13.79 -17.14 8.46
N THR B 183 12.84 -17.89 7.91
CA THR B 183 11.74 -17.36 7.09
C THR B 183 10.41 -17.81 7.71
N ALA B 184 9.48 -16.88 7.95
CA ALA B 184 8.08 -17.16 8.32
C ALA B 184 7.15 -16.80 7.14
N HIS B 185 6.26 -17.73 6.79
N HIS B 185 6.25 -17.72 6.80
N HIS B 185 6.39 -17.79 6.70
CA HIS B 185 5.27 -17.59 5.69
CA HIS B 185 5.27 -17.60 5.70
CA HIS B 185 5.27 -17.63 5.73
C HIS B 185 3.87 -17.77 6.27
C HIS B 185 3.86 -17.77 6.28
C HIS B 185 3.98 -17.65 6.56
N ILE B 186 3.08 -16.70 6.32
CA ILE B 186 1.70 -16.67 6.92
C ILE B 186 0.72 -16.67 5.75
N ILE B 187 -0.26 -17.56 5.80
CA ILE B 187 -1.27 -17.72 4.72
C ILE B 187 -2.64 -17.63 5.35
N TYR B 188 -3.48 -16.68 4.91
CA TYR B 188 -4.93 -16.76 5.15
C TYR B 188 -5.66 -17.09 3.85
N ASN B 189 -6.31 -18.26 3.82
CA ASN B 189 -7.12 -18.73 2.66
C ASN B 189 -8.60 -18.55 3.03
N SER B 190 -9.31 -17.63 2.36
CA SER B 190 -10.71 -17.27 2.69
C SER B 190 -11.67 -18.31 2.09
N VAL B 191 -11.24 -19.07 1.10
CA VAL B 191 -12.06 -20.20 0.57
C VAL B 191 -12.19 -21.25 1.68
N ASP B 192 -11.09 -21.56 2.36
CA ASP B 192 -11.05 -22.61 3.42
C ASP B 192 -11.35 -22.00 4.79
N LYS B 193 -11.28 -20.66 4.94
CA LYS B 193 -11.39 -19.95 6.24
C LYS B 193 -10.33 -20.56 7.18
N ARG B 194 -9.07 -20.56 6.72
CA ARG B 194 -7.94 -21.21 7.41
C ARG B 194 -6.74 -20.25 7.46
N LEU B 195 -6.25 -19.98 8.68
CA LEU B 195 -5.01 -19.22 8.99
C LEU B 195 -3.90 -20.23 9.29
N SER B 196 -2.78 -20.16 8.55
CA SER B 196 -1.65 -21.11 8.60
C SER B 196 -0.35 -20.33 8.63
N ALA B 197 0.70 -20.97 9.15
CA ALA B 197 2.07 -20.44 9.17
C ALA B 197 3.04 -21.59 8.88
N VAL B 198 4.12 -21.30 8.15
CA VAL B 198 5.31 -22.17 7.99
C VAL B 198 6.55 -21.38 8.40
N VAL B 199 7.37 -21.92 9.29
CA VAL B 199 8.64 -21.28 9.73
C VAL B 199 9.80 -22.25 9.43
N SER B 200 10.83 -21.73 8.76
CA SER B 200 11.95 -22.55 8.23
C SER B 200 13.27 -21.79 8.32
N TYR B 201 14.34 -22.56 8.40
CA TYR B 201 15.76 -22.15 8.27
C TYR B 201 16.33 -22.88 7.05
N PRO B 202 17.34 -22.33 6.34
CA PRO B 202 17.90 -23.03 5.19
C PRO B 202 18.55 -24.34 5.68
N ASN B 203 18.39 -25.43 4.93
CA ASN B 203 19.01 -26.74 5.27
C ASN B 203 18.64 -27.10 6.71
N ALA B 204 17.35 -27.03 7.02
CA ALA B 204 16.79 -27.44 8.33
C ALA B 204 15.31 -27.75 8.13
N ASP B 205 14.67 -28.26 9.18
CA ASP B 205 13.24 -28.64 9.23
C ASP B 205 12.34 -27.40 9.12
N SER B 206 11.11 -27.59 8.66
CA SER B 206 10.03 -26.58 8.73
C SER B 206 9.05 -26.97 9.84
N ALA B 207 8.58 -25.98 10.59
CA ALA B 207 7.43 -26.11 11.52
C ALA B 207 6.20 -25.47 10.84
N THR B 208 5.03 -26.07 10.99
CA THR B 208 3.75 -25.59 10.41
C THR B 208 2.60 -25.70 11.42
N VAL B 209 1.68 -24.76 11.39
CA VAL B 209 0.46 -24.71 12.24
C VAL B 209 -0.67 -24.12 11.40
N SER B 210 -1.89 -24.61 11.60
CA SER B 210 -3.15 -24.22 10.91
C SER B 210 -4.29 -24.08 11.93
N TYR B 211 -5.24 -23.21 11.65
CA TYR B 211 -6.43 -23.08 12.52
C TYR B 211 -7.56 -22.53 11.67
N ASP B 212 -8.73 -23.14 11.75
CA ASP B 212 -9.93 -22.75 10.96
C ASP B 212 -10.56 -21.57 11.69
N VAL B 213 -10.73 -20.44 11.02
CA VAL B 213 -11.29 -19.21 11.62
C VAL B 213 -11.72 -18.30 10.47
N ASP B 214 -12.97 -17.86 10.54
CA ASP B 214 -13.49 -16.81 9.63
C ASP B 214 -13.23 -15.46 10.30
N LEU B 215 -12.38 -14.63 9.71
CA LEU B 215 -11.94 -13.33 10.29
C LEU B 215 -13.10 -12.33 10.34
N ASP B 216 -14.20 -12.53 9.61
CA ASP B 216 -15.33 -11.55 9.68
C ASP B 216 -16.08 -11.75 11.00
N ASN B 217 -15.75 -12.79 11.77
CA ASN B 217 -16.33 -13.02 13.13
C ASN B 217 -15.43 -12.35 14.17
N VAL B 218 -14.24 -11.87 13.79
CA VAL B 218 -13.12 -11.62 14.74
C VAL B 218 -12.63 -10.17 14.61
N LEU B 219 -12.33 -9.69 13.40
CA LEU B 219 -11.66 -8.38 13.19
C LEU B 219 -12.66 -7.36 12.65
N PRO B 220 -12.32 -6.06 12.71
CA PRO B 220 -13.06 -5.06 11.94
C PRO B 220 -12.85 -5.27 10.43
N GLU B 221 -13.68 -4.61 9.64
CA GLU B 221 -13.69 -4.68 8.17
C GLU B 221 -12.34 -4.19 7.63
N TRP B 222 -11.76 -3.19 8.32
CA TRP B 222 -10.47 -2.54 7.98
C TRP B 222 -9.49 -2.75 9.14
N VAL B 223 -8.24 -3.05 8.82
CA VAL B 223 -7.20 -3.49 9.78
C VAL B 223 -5.89 -2.86 9.36
N ARG B 224 -4.90 -2.91 10.25
CA ARG B 224 -3.48 -2.76 9.81
C ARG B 224 -2.77 -4.08 10.06
N VAL B 225 -1.71 -4.32 9.29
CA VAL B 225 -0.87 -5.53 9.44
C VAL B 225 0.47 -5.06 10.00
N GLY B 226 1.10 -5.90 10.83
CA GLY B 226 2.29 -5.47 11.56
C GLY B 226 3.14 -6.63 12.00
N LEU B 227 4.35 -6.29 12.45
CA LEU B 227 5.23 -7.22 13.20
C LEU B 227 5.44 -6.61 14.59
N SER B 228 5.46 -7.49 15.57
CA SER B 228 5.61 -7.13 16.98
C SER B 228 6.68 -8.05 17.58
N ALA B 229 7.41 -7.57 18.56
CA ALA B 229 8.37 -8.41 19.32
C ALA B 229 8.50 -7.87 20.72
N SER B 230 8.90 -8.75 21.63
CA SER B 230 9.11 -8.40 23.04
C SER B 230 10.31 -9.17 23.58
N THR B 231 10.93 -8.61 24.61
CA THR B 231 11.87 -9.31 25.52
C THR B 231 11.33 -9.11 26.93
N GLY B 232 11.89 -9.84 27.90
CA GLY B 232 11.51 -9.75 29.32
C GLY B 232 12.76 -9.71 30.17
N LEU B 233 12.77 -10.52 31.22
CA LEU B 233 14.01 -10.81 31.99
C LEU B 233 15.06 -11.35 31.02
N TYR B 234 14.68 -12.36 30.22
CA TYR B 234 15.51 -12.91 29.12
C TYR B 234 15.24 -12.09 27.85
N LYS B 235 16.17 -12.11 26.90
CA LYS B 235 16.20 -11.15 25.76
C LYS B 235 16.81 -11.84 24.56
N GLU B 236 16.58 -11.27 23.40
CA GLU B 236 17.04 -11.74 22.08
C GLU B 236 16.98 -10.52 21.17
N THR B 237 17.80 -10.51 20.11
CA THR B 237 17.57 -9.62 18.97
C THR B 237 16.32 -10.09 18.26
N ASN B 238 15.47 -9.14 17.90
CA ASN B 238 14.20 -9.40 17.17
C ASN B 238 14.33 -8.65 15.85
N THR B 239 15.33 -9.04 15.06
CA THR B 239 15.78 -8.40 13.79
C THR B 239 14.99 -8.91 12.59
N ILE B 240 14.35 -8.00 11.86
CA ILE B 240 13.62 -8.29 10.60
C ILE B 240 14.46 -7.81 9.42
N LEU B 241 14.74 -8.69 8.46
CA LEU B 241 15.64 -8.36 7.32
C LEU B 241 14.82 -8.09 6.07
N SER B 242 13.61 -8.65 6.01
CA SER B 242 12.67 -8.43 4.89
C SER B 242 11.25 -8.73 5.38
N TRP B 243 10.26 -8.13 4.73
CA TRP B 243 8.83 -8.32 5.07
C TRP B 243 8.02 -8.03 3.81
N SER B 244 7.23 -9.00 3.39
CA SER B 244 6.32 -8.84 2.24
C SER B 244 4.91 -9.21 2.67
N PHE B 245 3.90 -8.58 2.05
CA PHE B 245 2.45 -8.75 2.34
C PHE B 245 1.70 -8.60 1.03
N THR B 246 0.78 -9.52 0.76
CA THR B 246 -0.23 -9.43 -0.32
C THR B 246 -1.62 -9.77 0.22
N SER B 247 -2.60 -8.90 0.01
CA SER B 247 -4.04 -9.12 0.34
C SER B 247 -4.89 -8.93 -0.93
N LYS B 248 -5.78 -9.90 -1.20
CA LYS B 248 -6.75 -9.88 -2.33
C LYS B 248 -8.19 -10.06 -1.81
N LEU B 249 -9.09 -9.18 -2.24
CA LEU B 249 -10.54 -9.18 -1.92
C LEU B 249 -11.35 -9.15 -3.22
N LYS B 250 -12.06 -10.22 -3.57
CA LYS B 250 -12.92 -10.22 -4.79
C LYS B 250 -14.37 -10.08 -4.36
N SER B 251 -14.89 -8.85 -4.47
CA SER B 251 -16.18 -8.39 -3.87
C SER B 251 -17.38 -9.10 -4.51
N ASN B 252 -17.29 -9.50 -5.78
CA ASN B 252 -18.39 -10.21 -6.47
C ASN B 252 -18.17 -11.73 -6.39
N GLU B 253 -17.24 -12.22 -5.56
CA GLU B 253 -16.96 -13.68 -5.41
C GLU B 253 -18.04 -14.30 -4.50
N ILE B 254 -18.35 -15.58 -4.70
CA ILE B 254 -19.16 -16.34 -3.73
C ILE B 254 -18.44 -16.25 -2.38
N PRO B 255 -19.10 -15.86 -1.28
CA PRO B 255 -18.39 -15.64 -0.01
C PRO B 255 -17.94 -16.93 0.70
N ASP B 256 -18.53 -18.08 0.38
CA ASP B 256 -18.20 -19.39 1.01
C ASP B 256 -18.63 -20.49 0.02
N ILE B 257 -18.14 -21.72 0.17
CA ILE B 257 -18.48 -22.85 -0.77
C ILE B 257 -19.26 -23.94 -0.02
#